data_5A87
#
_entry.id   5A87
#
_cell.length_a   41.270
_cell.length_b   78.960
_cell.length_c   64.030
_cell.angle_alpha   90.00
_cell.angle_beta   104.82
_cell.angle_gamma   90.00
#
_symmetry.space_group_name_H-M   'P 1 21 1'
#
loop_
_entity.id
_entity.type
_entity.pdbx_description
1 polymer 'METALLO-BETA-LACTAMASE VIM-5'
2 non-polymer GLYCEROL
3 non-polymer 'ZINC ION'
4 water water
#
_entity_poly.entity_id   1
_entity_poly.type   'polypeptide(L)'
_entity_poly.pdbx_seq_one_letter_code
;GPSPLAHSGEPSGEYPTVNEIPVGEVRLYQIADGVWSHIATQSFDGAVYPSNGLIVRDGDELLLIDTAWGAKNTAALLAE
IEKQIGLPVTRAVSTHFHDDRVGGVDVLRKAGVATYASPSTRRLAEAEGNEIPTHSLEGLSSSGDAVRFGPVELFYPGAA
HSTDNLVVYVPSANVLYGGCAVLALSRTSAGNVADADLAEWPTSVERIQKHYPEAEVVIPGHGLPGGLDLLQHTANVVTA
HKNRSVAE
;
_entity_poly.pdbx_strand_id   A,B
#
# COMPACT_ATOMS: atom_id res chain seq x y z
N GLU A 14 13.76 -1.52 -17.61
CA GLU A 14 15.02 -1.50 -16.89
C GLU A 14 14.94 -0.68 -15.59
N TYR A 15 13.82 0.00 -15.35
CA TYR A 15 13.67 0.78 -14.12
C TYR A 15 13.47 -0.18 -12.94
N PRO A 16 14.20 0.03 -11.82
CA PRO A 16 14.05 -0.82 -10.63
C PRO A 16 12.65 -0.82 -10.07
N THR A 17 12.11 -1.99 -9.77
CA THR A 17 10.76 -2.09 -9.22
C THR A 17 10.80 -2.46 -7.75
N VAL A 18 9.66 -2.28 -7.10
CA VAL A 18 9.57 -2.50 -5.68
C VAL A 18 9.94 -3.95 -5.34
N ASN A 19 9.57 -4.90 -6.20
CA ASN A 19 9.86 -6.31 -5.97
C ASN A 19 11.34 -6.64 -5.90
N GLU A 20 12.14 -5.75 -6.48
CA GLU A 20 13.57 -6.00 -6.69
C GLU A 20 14.47 -5.35 -5.64
N ILE A 21 13.89 -4.50 -4.80
CA ILE A 21 14.67 -3.67 -3.87
C ILE A 21 14.29 -3.97 -2.42
N PRO A 22 15.15 -4.72 -1.70
CA PRO A 22 14.84 -4.92 -0.27
C PRO A 22 14.93 -3.61 0.51
N VAL A 23 14.15 -3.51 1.58
CA VAL A 23 14.16 -2.30 2.42
C VAL A 23 15.54 -2.14 3.03
N GLY A 24 16.14 -0.98 2.80
CA GLY A 24 17.50 -0.68 3.24
C GLY A 24 18.48 -0.52 2.10
N GLU A 25 18.10 -0.94 0.90
CA GLU A 25 18.95 -0.79 -0.27
C GLU A 25 18.44 0.34 -1.16
N VAL A 26 19.36 0.98 -1.87
CA VAL A 26 19.01 2.08 -2.75
C VAL A 26 19.60 1.83 -4.13
N ARG A 27 18.80 2.08 -5.15
CA ARG A 27 19.26 1.98 -6.54
CA ARG A 27 19.26 1.98 -6.54
C ARG A 27 19.31 3.35 -7.18
N LEU A 28 20.22 3.53 -8.11
CA LEU A 28 20.26 4.73 -8.93
C LEU A 28 19.93 4.35 -10.38
N TYR A 29 19.22 5.24 -11.06
CA TYR A 29 18.85 5.04 -12.46
C TYR A 29 19.19 6.29 -13.26
N GLN A 30 20.09 6.17 -14.24
CA GLN A 30 20.47 7.35 -15.01
C GLN A 30 19.41 7.67 -16.07
N ILE A 31 18.95 8.92 -16.02
CA ILE A 31 17.93 9.44 -16.93
C ILE A 31 18.56 10.24 -18.05
N ALA A 32 19.58 11.00 -17.72
CA ALA A 32 20.28 11.82 -18.70
C ALA A 32 21.70 12.10 -18.23
N ASP A 33 22.47 12.79 -19.05
CA ASP A 33 23.75 13.30 -18.61
C ASP A 33 23.51 14.14 -17.35
N GLY A 34 24.10 13.71 -16.25
CA GLY A 34 23.97 14.45 -15.01
C GLY A 34 22.59 14.48 -14.36
N VAL A 35 21.69 13.58 -14.75
CA VAL A 35 20.41 13.38 -14.05
C VAL A 35 20.15 11.90 -13.75
N TRP A 36 19.86 11.63 -12.48
CA TRP A 36 19.53 10.28 -12.00
C TRP A 36 18.26 10.32 -11.19
N SER A 37 17.49 9.25 -11.18
CA SER A 37 16.59 9.04 -10.05
C SER A 37 17.25 8.12 -9.04
N HIS A 38 16.81 8.23 -7.79
CA HIS A 38 17.17 7.26 -6.76
C HIS A 38 15.89 6.57 -6.30
N ILE A 39 16.01 5.26 -6.05
CA ILE A 39 14.85 4.43 -5.77
C ILE A 39 15.16 3.67 -4.48
N ALA A 40 14.24 3.74 -3.54
CA ALA A 40 14.36 3.01 -2.28
C ALA A 40 13.00 2.40 -2.00
N THR A 41 12.94 1.62 -0.95
CA THR A 41 11.69 0.98 -0.51
C THR A 41 11.55 1.11 0.99
N GLN A 42 10.31 1.05 1.45
CA GLN A 42 10.04 1.18 2.87
C GLN A 42 8.77 0.45 3.26
N SER A 43 8.74 0.00 4.50
CA SER A 43 7.58 -0.64 5.09
C SER A 43 6.63 0.47 5.50
N PHE A 44 5.40 0.42 5.01
CA PHE A 44 4.43 1.46 5.31
C PHE A 44 3.03 0.89 5.24
N ASP A 45 2.27 1.09 6.32
CA ASP A 45 0.85 0.77 6.38
C ASP A 45 0.60 -0.64 5.87
N GLY A 46 1.45 -1.58 6.30
CA GLY A 46 1.22 -2.99 6.05
C GLY A 46 1.84 -3.55 4.79
N ALA A 47 2.45 -2.69 3.99
CA ALA A 47 3.00 -3.08 2.69
C ALA A 47 4.44 -2.62 2.53
N VAL A 48 5.02 -2.94 1.38
CA VAL A 48 6.30 -2.37 0.99
C VAL A 48 6.07 -1.51 -0.25
N TYR A 49 6.46 -0.24 -0.13
CA TYR A 49 6.34 0.76 -1.19
C TYR A 49 7.67 1.21 -1.72
N PRO A 50 7.75 1.45 -3.03
CA PRO A 50 8.92 2.09 -3.61
C PRO A 50 8.80 3.59 -3.45
N SER A 51 9.92 4.30 -3.53
CA SER A 51 9.91 5.76 -3.49
C SER A 51 11.05 6.28 -4.34
N ASN A 52 10.74 7.32 -5.10
CA ASN A 52 11.69 8.00 -5.99
C ASN A 52 12.15 9.34 -5.49
N GLY A 53 13.38 9.68 -5.81
CA GLY A 53 13.87 11.05 -5.72
C GLY A 53 14.75 11.33 -6.93
N LEU A 54 15.45 12.45 -6.90
CA LEU A 54 16.23 12.88 -8.05
C LEU A 54 17.63 13.31 -7.59
N ILE A 55 18.61 13.18 -8.49
CA ILE A 55 19.96 13.68 -8.31
C ILE A 55 20.32 14.43 -9.57
N VAL A 56 20.78 15.67 -9.41
CA VAL A 56 21.09 16.49 -10.55
C VAL A 56 22.48 17.07 -10.38
N ARG A 57 23.34 16.83 -11.37
CA ARG A 57 24.69 17.37 -11.31
C ARG A 57 24.66 18.90 -11.40
N ASP A 58 25.46 19.49 -10.53
CA ASP A 58 25.50 20.91 -10.29
C ASP A 58 26.97 21.30 -10.35
N GLY A 59 27.55 21.28 -11.56
CA GLY A 59 28.97 21.51 -11.72
C GLY A 59 29.73 20.28 -11.24
N ASP A 60 30.60 20.49 -10.26
CA ASP A 60 31.35 19.40 -9.67
C ASP A 60 30.75 18.95 -8.34
N GLU A 61 29.49 19.34 -8.13
CA GLU A 61 28.71 18.98 -6.97
C GLU A 61 27.39 18.35 -7.41
N LEU A 62 26.61 17.85 -6.46
CA LEU A 62 25.27 17.32 -6.73
C LEU A 62 24.19 18.01 -5.91
N LEU A 63 23.04 18.18 -6.56
CA LEU A 63 21.81 18.58 -5.92
C LEU A 63 20.93 17.36 -5.75
N LEU A 64 20.49 17.10 -4.52
CA LEU A 64 19.60 16.00 -4.21
C LEU A 64 18.16 16.51 -4.07
N ILE A 65 17.22 15.80 -4.69
CA ILE A 65 15.79 16.09 -4.51
C ILE A 65 15.21 14.92 -3.76
N ASP A 66 14.81 15.22 -2.53
CA ASP A 66 14.19 14.30 -1.57
C ASP A 66 15.13 13.23 -1.00
N THR A 67 14.84 12.87 0.24
CA THR A 67 15.55 11.80 0.93
C THR A 67 15.07 10.46 0.39
N ALA A 68 15.66 9.37 0.90
CA ALA A 68 15.31 8.01 0.46
C ALA A 68 14.39 7.33 1.47
N TRP A 69 13.61 8.13 2.19
CA TRP A 69 12.57 7.64 3.10
C TRP A 69 13.19 6.93 4.29
N GLY A 70 13.87 7.71 5.11
CA GLY A 70 14.38 7.23 6.36
C GLY A 70 15.87 7.37 6.49
N ALA A 71 16.35 7.34 7.73
CA ALA A 71 17.76 7.60 8.00
C ALA A 71 18.65 6.54 7.40
N LYS A 72 18.32 5.28 7.61
CA LYS A 72 19.16 4.20 7.11
C LYS A 72 19.17 4.17 5.59
N ASN A 73 18.01 4.35 4.97
CA ASN A 73 17.95 4.44 3.52
C ASN A 73 18.77 5.61 2.99
N THR A 74 18.70 6.75 3.65
CA THR A 74 19.39 7.94 3.17
C THR A 74 20.91 7.78 3.36
N ALA A 75 21.35 7.10 4.42
CA ALA A 75 22.76 6.80 4.56
C ALA A 75 23.21 5.90 3.39
N ALA A 76 22.39 4.91 3.02
CA ALA A 76 22.72 4.03 1.92
C ALA A 76 22.77 4.82 0.60
N LEU A 77 21.86 5.76 0.46
CA LEU A 77 21.83 6.63 -0.72
C LEU A 77 23.15 7.38 -0.87
N LEU A 78 23.64 7.99 0.20
CA LEU A 78 24.90 8.73 0.14
C LEU A 78 26.04 7.79 -0.24
N ALA A 79 26.01 6.57 0.26
CA ALA A 79 27.06 5.60 -0.06
C ALA A 79 26.99 5.21 -1.54
N GLU A 80 25.77 5.03 -2.03
CA GLU A 80 25.56 4.66 -3.41
C GLU A 80 26.03 5.78 -4.36
N ILE A 81 25.74 7.02 -4.02
CA ILE A 81 26.16 8.18 -4.80
C ILE A 81 27.70 8.22 -4.87
N GLU A 82 28.35 7.95 -3.75
CA GLU A 82 29.83 7.99 -3.74
C GLU A 82 30.43 6.95 -4.68
N LYS A 83 29.92 5.73 -4.64
CA LYS A 83 30.54 4.67 -5.43
C LYS A 83 30.05 4.67 -6.89
N GLN A 84 28.91 5.29 -7.20
CA GLN A 84 28.42 5.31 -8.58
CA GLN A 84 28.41 5.32 -8.58
C GLN A 84 28.69 6.62 -9.31
N ILE A 85 28.70 7.73 -8.60
CA ILE A 85 28.86 9.04 -9.23
C ILE A 85 30.15 9.75 -8.79
N GLY A 86 30.43 9.74 -7.50
CA GLY A 86 31.72 10.24 -7.03
C GLY A 86 31.83 11.75 -6.96
N LEU A 87 30.70 12.42 -6.81
CA LEU A 87 30.67 13.87 -6.57
C LEU A 87 29.94 14.12 -5.28
N PRO A 88 30.29 15.20 -4.58
CA PRO A 88 29.61 15.43 -3.30
C PRO A 88 28.23 16.02 -3.42
N VAL A 89 27.30 15.54 -2.61
CA VAL A 89 26.01 16.20 -2.43
C VAL A 89 26.21 17.41 -1.54
N THR A 90 25.86 18.59 -2.03
CA THR A 90 26.05 19.82 -1.26
C THR A 90 24.73 20.49 -0.86
N ARG A 91 23.67 20.22 -1.60
CA ARG A 91 22.36 20.81 -1.32
C ARG A 91 21.29 19.76 -1.55
N ALA A 92 20.20 19.84 -0.78
CA ALA A 92 19.08 18.96 -0.94
C ALA A 92 17.80 19.77 -0.80
N VAL A 93 16.78 19.38 -1.57
CA VAL A 93 15.48 20.01 -1.49
C VAL A 93 14.47 18.94 -1.17
N SER A 94 13.63 19.16 -0.16
CA SER A 94 12.48 18.26 0.09
C SER A 94 11.22 18.88 -0.47
N THR A 95 10.48 18.06 -1.21
CA THR A 95 9.36 18.59 -1.99
C THR A 95 8.00 18.56 -1.28
N HIS A 96 7.89 17.86 -0.14
CA HIS A 96 6.82 18.14 0.85
C HIS A 96 7.25 17.52 2.18
N PHE A 97 6.36 17.54 3.17
CA PHE A 97 6.77 17.37 4.56
C PHE A 97 6.73 15.93 5.07
N HIS A 98 6.26 15.00 4.24
CA HIS A 98 6.14 13.58 4.66
C HIS A 98 7.51 12.90 4.77
N ASP A 99 7.56 11.79 5.50
CA ASP A 99 8.83 11.10 5.78
C ASP A 99 9.56 10.56 4.58
N ASP A 100 8.84 10.31 3.48
CA ASP A 100 9.53 9.83 2.29
C ASP A 100 10.26 10.99 1.59
N ARG A 101 10.08 12.20 2.09
CA ARG A 101 10.74 13.37 1.51
C ARG A 101 11.74 14.04 2.47
N VAL A 102 11.45 14.00 3.78
CA VAL A 102 12.33 14.63 4.79
C VAL A 102 12.99 13.61 5.74
N GLY A 103 12.51 12.37 5.74
CA GLY A 103 13.08 11.35 6.62
C GLY A 103 14.48 11.02 6.14
N GLY A 104 15.48 11.45 6.91
CA GLY A 104 16.86 11.37 6.47
C GLY A 104 17.55 12.71 6.38
N VAL A 105 16.77 13.78 6.53
CA VAL A 105 17.34 15.13 6.53
C VAL A 105 18.46 15.26 7.58
N ASP A 106 18.29 14.66 8.77
CA ASP A 106 19.34 14.79 9.78
C ASP A 106 20.65 14.11 9.33
N VAL A 107 20.54 12.98 8.65
CA VAL A 107 21.72 12.29 8.10
C VAL A 107 22.41 13.17 7.07
N LEU A 108 21.62 13.80 6.20
CA LEU A 108 22.15 14.72 5.21
C LEU A 108 22.86 15.90 5.86
N ARG A 109 22.19 16.53 6.83
CA ARG A 109 22.80 17.67 7.51
C ARG A 109 24.13 17.30 8.18
N LYS A 110 24.19 16.14 8.83
CA LYS A 110 25.42 15.71 9.50
C LYS A 110 26.52 15.35 8.51
N ALA A 111 26.13 15.01 7.28
CA ALA A 111 27.08 14.71 6.23
C ALA A 111 27.57 15.96 5.51
N GLY A 112 27.10 17.14 5.92
CA GLY A 112 27.56 18.39 5.33
C GLY A 112 26.65 18.99 4.29
N VAL A 113 25.49 18.38 4.09
CA VAL A 113 24.53 18.85 3.09
C VAL A 113 23.65 19.99 3.61
N ALA A 114 23.48 21.03 2.80
CA ALA A 114 22.52 22.11 3.07
C ALA A 114 21.14 21.66 2.63
N THR A 115 20.26 21.44 3.61
CA THR A 115 18.90 20.98 3.35
C THR A 115 17.92 22.16 3.29
N TYR A 116 17.04 22.11 2.29
CA TYR A 116 16.13 23.18 1.92
C TYR A 116 14.70 22.67 1.81
N ALA A 117 13.76 23.54 2.15
CA ALA A 117 12.33 23.33 1.86
C ALA A 117 11.63 24.67 1.96
N SER A 118 10.41 24.76 1.42
CA SER A 118 9.63 25.98 1.60
C SER A 118 9.29 26.21 3.06
N PRO A 119 8.98 27.47 3.42
CA PRO A 119 8.57 27.72 4.80
C PRO A 119 7.37 26.86 5.21
N SER A 120 6.45 26.65 4.28
CA SER A 120 5.28 25.82 4.57
C SER A 120 5.69 24.39 4.88
N THR A 121 6.57 23.83 4.07
CA THR A 121 7.01 22.46 4.31
C THR A 121 7.71 22.34 5.68
N ARG A 122 8.54 23.32 6.04
CA ARG A 122 9.27 23.28 7.31
C ARG A 122 8.27 23.28 8.46
N ARG A 123 7.25 24.14 8.37
CA ARG A 123 6.23 24.25 9.40
C ARG A 123 5.47 22.94 9.54
N LEU A 124 5.08 22.37 8.42
CA LEU A 124 4.29 21.14 8.44
C LEU A 124 5.13 19.96 8.93
N ALA A 125 6.40 19.92 8.55
CA ALA A 125 7.29 18.86 9.03
C ALA A 125 7.43 18.95 10.53
N GLU A 126 7.64 20.15 11.03
CA GLU A 126 7.76 20.35 12.47
C GLU A 126 6.51 19.82 13.17
N ALA A 127 5.35 20.19 12.66
CA ALA A 127 4.06 19.84 13.29
C ALA A 127 3.81 18.33 13.27
N GLU A 128 4.29 17.68 12.23
CA GLU A 128 4.12 16.23 12.07
C GLU A 128 5.09 15.43 12.94
N GLY A 129 6.04 16.11 13.56
CA GLY A 129 7.12 15.46 14.31
C GLY A 129 8.23 14.89 13.45
N ASN A 130 8.29 15.31 12.19
CA ASN A 130 9.32 14.87 11.26
C ASN A 130 10.56 15.75 11.31
N GLU A 131 11.61 15.28 10.65
CA GLU A 131 12.83 16.05 10.52
C GLU A 131 12.51 17.29 9.71
N ILE A 132 13.27 18.36 9.99
CA ILE A 132 12.96 19.69 9.45
C ILE A 132 14.11 20.19 8.59
N PRO A 133 13.92 20.28 7.26
CA PRO A 133 14.96 20.90 6.44
C PRO A 133 15.32 22.29 6.99
N THR A 134 16.60 22.60 7.00
CA THR A 134 17.06 23.74 7.76
C THR A 134 16.86 25.09 7.09
N HIS A 135 17.14 25.14 5.80
CA HIS A 135 17.10 26.37 5.03
C HIS A 135 15.78 26.55 4.33
N SER A 136 15.32 27.80 4.25
CA SER A 136 14.04 28.14 3.66
C SER A 136 14.17 28.61 2.21
N LEU A 137 13.35 28.02 1.36
CA LEU A 137 13.23 28.46 -0.02
C LEU A 137 12.30 29.65 -0.13
N GLU A 138 12.81 30.75 -0.69
CA GLU A 138 12.02 31.95 -0.91
C GLU A 138 11.39 31.94 -2.30
N GLY A 139 10.27 32.64 -2.43
CA GLY A 139 9.61 32.82 -3.72
C GLY A 139 8.63 31.74 -4.17
N LEU A 140 8.21 30.86 -3.26
CA LEU A 140 7.33 29.75 -3.62
C LEU A 140 5.99 29.70 -2.85
N SER A 141 5.51 30.85 -2.42
CA SER A 141 4.42 30.88 -1.46
C SER A 141 3.04 30.71 -2.09
N SER A 142 2.91 30.98 -3.38
CA SER A 142 1.59 30.97 -4.03
C SER A 142 1.56 30.17 -5.32
N SER A 143 0.37 29.63 -5.64
CA SER A 143 0.18 28.80 -6.83
C SER A 143 0.74 29.44 -8.08
N GLY A 144 1.55 28.68 -8.80
CA GLY A 144 2.17 29.16 -10.03
C GLY A 144 3.53 29.79 -9.86
N ASP A 145 3.99 29.95 -8.62
CA ASP A 145 5.31 30.52 -8.35
C ASP A 145 6.41 29.55 -8.81
N ALA A 146 7.47 30.09 -9.40
CA ALA A 146 8.60 29.28 -9.82
C ALA A 146 9.89 30.04 -9.51
N VAL A 147 10.90 29.28 -9.09
CA VAL A 147 12.23 29.82 -8.85
C VAL A 147 13.29 28.88 -9.40
N ARG A 148 14.43 29.44 -9.82
CA ARG A 148 15.59 28.64 -10.17
C ARG A 148 16.37 28.30 -8.92
N PHE A 149 16.91 27.09 -8.91
CA PHE A 149 17.71 26.61 -7.79
C PHE A 149 18.81 25.74 -8.39
N GLY A 150 19.95 26.35 -8.64
CA GLY A 150 21.03 25.68 -9.35
C GLY A 150 20.54 25.15 -10.69
N PRO A 151 20.73 23.84 -10.95
CA PRO A 151 20.37 23.27 -12.25
C PRO A 151 18.90 22.96 -12.45
N VAL A 152 18.05 23.27 -11.48
CA VAL A 152 16.63 22.98 -11.64
C VAL A 152 15.77 24.20 -11.48
N GLU A 153 14.51 24.05 -11.87
CA GLU A 153 13.44 24.99 -11.54
C GLU A 153 12.54 24.34 -10.52
N LEU A 154 12.17 25.08 -9.49
CA LEU A 154 11.22 24.64 -8.50
C LEU A 154 9.89 25.35 -8.77
N PHE A 155 8.79 24.61 -8.69
CA PHE A 155 7.47 25.12 -9.04
C PHE A 155 6.45 24.70 -7.99
N TYR A 156 5.65 25.64 -7.51
CA TYR A 156 4.55 25.33 -6.58
C TYR A 156 3.26 25.34 -7.40
N PRO A 157 2.68 24.16 -7.66
CA PRO A 157 1.53 24.14 -8.58
C PRO A 157 0.21 24.40 -7.88
N GLY A 158 0.22 24.45 -6.56
CA GLY A 158 -0.99 24.52 -5.76
C GLY A 158 -1.12 23.25 -4.94
N ALA A 159 -2.09 23.23 -4.03
CA ALA A 159 -2.27 22.07 -3.17
C ALA A 159 -2.69 20.84 -4.01
N ALA A 160 -2.20 19.68 -3.61
CA ALA A 160 -2.52 18.46 -4.32
C ALA A 160 -2.45 17.28 -3.36
N HIS A 161 -1.43 16.45 -3.48
CA HIS A 161 -1.15 15.42 -2.48
C HIS A 161 -0.99 16.03 -1.10
N SER A 162 -0.39 17.22 -1.04
CA SER A 162 -0.33 17.98 0.20
C SER A 162 -0.45 19.46 -0.15
N THR A 163 -0.60 20.31 0.86
CA THR A 163 -0.78 21.73 0.60
CA THR A 163 -0.78 21.73 0.59
C THR A 163 0.51 22.38 0.13
N ASP A 164 1.63 21.78 0.51
CA ASP A 164 2.97 22.35 0.27
C ASP A 164 3.74 21.74 -0.89
N ASN A 165 3.19 20.76 -1.59
CA ASN A 165 4.00 19.98 -2.52
C ASN A 165 4.58 20.84 -3.67
N LEU A 166 5.88 20.62 -3.93
CA LEU A 166 6.63 21.22 -5.04
C LEU A 166 6.89 20.21 -6.14
N VAL A 167 7.01 20.71 -7.37
CA VAL A 167 7.54 19.90 -8.46
C VAL A 167 8.87 20.51 -8.92
N VAL A 168 9.65 19.69 -9.62
CA VAL A 168 11.02 20.04 -9.98
C VAL A 168 11.23 19.73 -11.45
N TYR A 169 11.77 20.70 -12.18
CA TYR A 169 12.03 20.56 -13.59
C TYR A 169 13.51 20.73 -13.85
N VAL A 170 14.05 19.86 -14.70
CA VAL A 170 15.46 19.94 -15.09
C VAL A 170 15.51 20.38 -16.54
N PRO A 171 15.79 21.68 -16.79
CA PRO A 171 15.61 22.11 -18.18
C PRO A 171 16.65 21.53 -19.13
N SER A 172 17.80 21.08 -18.64
CA SER A 172 18.82 20.53 -19.54
C SER A 172 18.35 19.27 -20.23
N ALA A 173 17.40 18.54 -19.61
CA ALA A 173 16.92 17.28 -20.16
C ALA A 173 15.39 17.20 -20.24
N ASN A 174 14.72 18.32 -19.99
CA ASN A 174 13.25 18.36 -19.96
C ASN A 174 12.68 17.23 -19.10
N VAL A 175 13.31 17.04 -17.94
CA VAL A 175 12.85 16.08 -16.96
C VAL A 175 11.96 16.76 -15.92
N LEU A 176 10.73 16.27 -15.81
CA LEU A 176 9.79 16.77 -14.81
C LEU A 176 9.66 15.77 -13.67
N TYR A 177 10.12 16.16 -12.49
CA TYR A 177 9.96 15.35 -11.29
C TYR A 177 8.73 15.85 -10.55
N GLY A 178 7.65 15.06 -10.61
CA GLY A 178 6.38 15.45 -10.05
C GLY A 178 6.28 15.25 -8.55
N GLY A 179 7.14 14.40 -8.00
CA GLY A 179 7.04 14.02 -6.59
C GLY A 179 5.67 13.43 -6.38
N CYS A 180 5.14 13.58 -5.18
CA CYS A 180 3.94 12.81 -4.87
C CYS A 180 2.64 13.49 -5.34
N ALA A 181 2.74 14.70 -5.90
CA ALA A 181 1.61 15.33 -6.59
C ALA A 181 1.27 14.62 -7.93
N VAL A 182 2.17 13.76 -8.40
CA VAL A 182 1.95 12.97 -9.63
C VAL A 182 1.97 11.49 -9.29
N LEU A 183 0.93 10.81 -9.74
CA LEU A 183 0.73 9.39 -9.48
C LEU A 183 1.26 8.56 -10.63
N ALA A 184 1.89 7.42 -10.32
CA ALA A 184 2.27 6.44 -11.35
C ALA A 184 1.05 5.83 -12.01
N LEU A 185 1.23 5.30 -13.22
CA LEU A 185 0.15 4.72 -13.98
C LEU A 185 -0.44 3.52 -13.26
N SER A 186 0.35 2.90 -12.38
CA SER A 186 -0.09 1.72 -11.62
C SER A 186 -1.05 2.05 -10.51
N ARG A 187 -1.13 3.32 -10.14
CA ARG A 187 -1.99 3.69 -9.03
C ARG A 187 -3.44 3.69 -9.51
N THR A 188 -4.27 2.99 -8.76
CA THR A 188 -5.71 2.93 -9.02
C THR A 188 -6.47 3.80 -8.01
N SER A 189 -5.77 4.33 -7.02
CA SER A 189 -6.33 5.30 -6.10
C SER A 189 -5.40 6.48 -6.01
N ALA A 190 -5.85 7.51 -5.29
CA ALA A 190 -5.02 8.69 -5.10
C ALA A 190 -3.99 8.45 -3.99
N GLY A 191 -3.91 7.25 -3.47
CA GLY A 191 -2.93 6.90 -2.45
C GLY A 191 -3.26 7.46 -1.08
N ASN A 192 -2.23 7.83 -0.33
CA ASN A 192 -2.43 8.40 1.00
C ASN A 192 -2.94 9.82 0.87
N VAL A 193 -4.22 10.04 1.19
CA VAL A 193 -4.85 11.35 1.00
C VAL A 193 -5.10 12.07 2.32
N ALA A 194 -4.43 11.61 3.38
CA ALA A 194 -4.62 12.19 4.71
C ALA A 194 -4.41 13.71 4.71
N ASP A 195 -3.46 14.17 3.91
CA ASP A 195 -3.09 15.59 3.89
C ASP A 195 -3.41 16.26 2.55
N ALA A 196 -4.17 15.58 1.71
CA ALA A 196 -4.41 16.02 0.34
C ALA A 196 -5.58 16.99 0.24
N ASP A 197 -5.59 17.74 -0.86
CA ASP A 197 -6.71 18.61 -1.21
C ASP A 197 -7.28 18.08 -2.50
N LEU A 198 -8.23 17.18 -2.38
CA LEU A 198 -8.76 16.50 -3.55
C LEU A 198 -9.48 17.46 -4.47
N ALA A 199 -10.12 18.47 -3.90
CA ALA A 199 -10.81 19.48 -4.69
C ALA A 199 -9.85 20.28 -5.57
N GLU A 200 -8.67 20.61 -5.06
CA GLU A 200 -7.70 21.45 -5.79
C GLU A 200 -6.78 20.67 -6.71
N TRP A 201 -6.57 19.41 -6.39
CA TRP A 201 -5.52 18.62 -7.03
C TRP A 201 -5.63 18.61 -8.57
N PRO A 202 -6.84 18.43 -9.13
CA PRO A 202 -6.90 18.46 -10.60
C PRO A 202 -6.48 19.82 -11.19
N THR A 203 -6.79 20.92 -10.51
CA THR A 203 -6.40 22.24 -10.98
C THR A 203 -4.90 22.42 -10.88
N SER A 204 -4.31 21.90 -9.81
CA SER A 204 -2.86 21.97 -9.64
C SER A 204 -2.15 21.15 -10.72
N VAL A 205 -2.71 20.00 -11.08
CA VAL A 205 -2.15 19.23 -12.20
C VAL A 205 -2.23 20.01 -13.51
N GLU A 206 -3.36 20.67 -13.74
CA GLU A 206 -3.52 21.48 -14.93
C GLU A 206 -2.43 22.57 -14.97
N ARG A 207 -2.10 23.16 -13.83
CA ARG A 207 -1.04 24.16 -13.81
C ARG A 207 0.30 23.57 -14.24
N ILE A 208 0.59 22.35 -13.80
CA ILE A 208 1.82 21.66 -14.20
C ILE A 208 1.80 21.43 -15.70
N GLN A 209 0.68 20.90 -16.20
CA GLN A 209 0.53 20.66 -17.63
C GLN A 209 0.77 21.92 -18.46
N LYS A 210 0.25 23.05 -17.99
CA LYS A 210 0.38 24.29 -18.75
C LYS A 210 1.79 24.89 -18.66
N HIS A 211 2.46 24.70 -17.53
CA HIS A 211 3.77 25.31 -17.33
CA HIS A 211 3.78 25.31 -17.33
C HIS A 211 4.91 24.48 -17.93
N TYR A 212 4.71 23.17 -18.05
CA TYR A 212 5.76 22.27 -18.55
C TYR A 212 5.31 21.38 -19.71
N PRO A 213 4.82 22.02 -20.79
CA PRO A 213 4.27 21.27 -21.92
C PRO A 213 5.31 20.48 -22.71
N GLU A 214 6.60 20.79 -22.54
CA GLU A 214 7.64 20.13 -23.33
C GLU A 214 8.38 19.05 -22.52
N ALA A 215 7.85 18.69 -21.35
CA ALA A 215 8.50 17.64 -20.55
C ALA A 215 8.61 16.33 -21.35
N GLU A 216 9.78 15.70 -21.30
CA GLU A 216 10.04 14.44 -22.01
C GLU A 216 9.81 13.23 -21.11
N VAL A 217 10.14 13.40 -19.84
CA VAL A 217 10.06 12.36 -18.84
C VAL A 217 9.33 12.95 -17.63
N VAL A 218 8.41 12.19 -17.05
CA VAL A 218 7.68 12.57 -15.85
C VAL A 218 7.93 11.48 -14.79
N ILE A 219 8.45 11.90 -13.64
CA ILE A 219 8.78 10.96 -12.57
C ILE A 219 7.81 11.16 -11.42
N PRO A 220 7.05 10.12 -11.04
CA PRO A 220 6.15 10.23 -9.90
C PRO A 220 6.93 10.03 -8.59
N GLY A 221 6.27 10.29 -7.46
CA GLY A 221 6.92 10.15 -6.17
C GLY A 221 7.15 8.69 -5.82
N HIS A 222 6.27 7.83 -6.35
CA HIS A 222 6.34 6.39 -6.11
C HIS A 222 6.02 5.67 -7.41
N GLY A 223 6.91 4.80 -7.85
CA GLY A 223 6.68 3.97 -9.02
C GLY A 223 7.35 4.45 -10.30
N LEU A 224 6.95 3.84 -11.41
CA LEU A 224 7.64 3.99 -12.69
C LEU A 224 7.48 5.37 -13.34
N PRO A 225 8.57 5.91 -13.90
CA PRO A 225 8.42 7.12 -14.74
C PRO A 225 7.67 6.83 -16.02
N GLY A 226 7.21 7.90 -16.65
CA GLY A 226 6.57 7.79 -17.94
C GLY A 226 6.63 9.11 -18.66
N GLY A 227 5.66 9.31 -19.56
CA GLY A 227 5.53 10.56 -20.29
C GLY A 227 4.52 11.51 -19.66
N LEU A 228 4.15 12.52 -20.42
CA LEU A 228 3.21 13.52 -19.96
C LEU A 228 1.86 12.96 -19.53
N ASP A 229 1.47 11.79 -20.04
CA ASP A 229 0.14 11.31 -19.68
C ASP A 229 0.04 10.88 -18.22
N LEU A 230 1.16 10.80 -17.49
CA LEU A 230 1.08 10.62 -16.04
C LEU A 230 0.34 11.79 -15.39
N LEU A 231 0.49 12.98 -15.96
CA LEU A 231 -0.21 14.14 -15.41
C LEU A 231 -1.73 13.98 -15.55
N GLN A 232 -2.18 13.68 -16.77
CA GLN A 232 -3.63 13.56 -16.95
C GLN A 232 -4.16 12.33 -16.22
N HIS A 233 -3.36 11.27 -16.17
CA HIS A 233 -3.69 10.10 -15.35
C HIS A 233 -3.99 10.51 -13.92
N THR A 234 -3.14 11.35 -13.38
CA THR A 234 -3.30 11.77 -12.00
C THR A 234 -4.63 12.50 -11.82
N ALA A 235 -4.89 13.48 -12.68
CA ALA A 235 -6.14 14.23 -12.67
C ALA A 235 -7.33 13.26 -12.73
N ASN A 236 -7.22 12.26 -13.61
CA ASN A 236 -8.34 11.33 -13.80
C ASN A 236 -8.63 10.53 -12.53
N VAL A 237 -7.58 10.03 -11.88
CA VAL A 237 -7.71 9.18 -10.71
C VAL A 237 -8.20 9.99 -9.53
N VAL A 238 -7.70 11.21 -9.41
CA VAL A 238 -8.04 12.00 -8.26
C VAL A 238 -9.46 12.50 -8.38
N THR A 239 -9.90 12.80 -9.61
CA THR A 239 -11.27 13.26 -9.82
C THR A 239 -12.24 12.12 -9.51
N ALA A 240 -11.91 10.90 -9.97
CA ALA A 240 -12.74 9.73 -9.68
C ALA A 240 -12.79 9.45 -8.18
N HIS A 241 -11.64 9.60 -7.51
CA HIS A 241 -11.54 9.41 -6.07
C HIS A 241 -12.46 10.40 -5.38
N LYS A 242 -12.25 11.69 -5.70
CA LYS A 242 -13.03 12.79 -5.12
C LYS A 242 -14.51 12.52 -5.29
N ASN A 243 -14.91 12.05 -6.46
CA ASN A 243 -16.30 11.64 -6.67
C ASN A 243 -16.54 10.28 -6.03
N GLU B 10 -0.44 -15.24 19.80
CA GLU B 10 0.03 -14.26 18.82
C GLU B 10 0.03 -12.84 19.41
N PRO B 11 1.01 -12.00 19.02
CA PRO B 11 2.02 -12.29 18.01
C PRO B 11 3.19 -13.13 18.53
N SER B 12 3.66 -14.05 17.69
CA SER B 12 4.76 -14.95 18.04
C SER B 12 6.12 -14.33 17.76
N GLY B 13 6.16 -13.40 16.81
CA GLY B 13 7.43 -12.89 16.32
C GLY B 13 8.08 -13.84 15.33
N GLU B 14 7.36 -14.88 14.92
CA GLU B 14 7.85 -15.84 13.91
C GLU B 14 6.91 -15.97 12.70
N TYR B 15 5.94 -15.07 12.60
CA TYR B 15 5.03 -15.07 11.49
C TYR B 15 5.71 -14.46 10.27
N PRO B 16 5.53 -15.05 9.09
CA PRO B 16 6.25 -14.53 7.90
C PRO B 16 5.75 -13.16 7.46
N THR B 17 6.67 -12.29 7.07
CA THR B 17 6.33 -10.94 6.68
C THR B 17 6.40 -10.73 5.18
N VAL B 18 5.81 -9.64 4.72
CA VAL B 18 5.81 -9.29 3.31
C VAL B 18 7.23 -9.24 2.75
N ASN B 19 8.19 -8.81 3.55
CA ASN B 19 9.57 -8.67 3.11
C ASN B 19 10.23 -10.01 2.79
N GLU B 20 9.65 -11.11 3.29
CA GLU B 20 10.27 -12.44 3.21
C GLU B 20 9.68 -13.34 2.12
N ILE B 21 8.57 -12.92 1.53
CA ILE B 21 7.84 -13.75 0.58
C ILE B 21 7.81 -13.13 -0.82
N PRO B 22 8.55 -13.71 -1.77
CA PRO B 22 8.46 -13.19 -3.15
C PRO B 22 7.08 -13.44 -3.75
N VAL B 23 6.61 -12.55 -4.61
CA VAL B 23 5.33 -12.74 -5.28
C VAL B 23 5.40 -14.04 -6.08
N GLY B 24 4.47 -14.95 -5.81
CA GLY B 24 4.47 -16.25 -6.44
C GLY B 24 4.72 -17.37 -5.45
N GLU B 25 5.20 -17.01 -4.27
CA GLU B 25 5.47 -18.00 -3.21
C GLU B 25 4.41 -17.96 -2.13
N VAL B 26 4.16 -19.12 -1.52
CA VAL B 26 3.16 -19.23 -0.46
C VAL B 26 3.73 -19.92 0.76
N ARG B 27 3.43 -19.36 1.93
CA ARG B 27 3.86 -19.91 3.21
C ARG B 27 2.63 -20.40 3.98
N LEU B 28 2.83 -21.47 4.72
CA LEU B 28 1.83 -21.96 5.69
C LEU B 28 2.39 -21.74 7.09
N TYR B 29 1.50 -21.38 7.99
CA TYR B 29 1.84 -21.13 9.38
C TYR B 29 0.83 -21.83 10.27
N GLN B 30 1.29 -22.74 11.12
CA GLN B 30 0.38 -23.45 12.00
C GLN B 30 -0.02 -22.57 13.18
N ILE B 31 -1.33 -22.34 13.29
CA ILE B 31 -1.92 -21.54 14.36
C ILE B 31 -2.32 -22.44 15.55
N ALA B 32 -2.88 -23.59 15.24
CA ALA B 32 -3.33 -24.55 16.24
C ALA B 32 -3.45 -25.92 15.60
N ASP B 33 -3.80 -26.93 16.40
CA ASP B 33 -4.09 -28.25 15.85
C ASP B 33 -5.18 -28.11 14.80
N GLY B 34 -4.86 -28.52 13.58
CA GLY B 34 -5.80 -28.46 12.48
C GLY B 34 -6.18 -27.07 12.00
N VAL B 35 -5.42 -26.04 12.38
CA VAL B 35 -5.67 -24.68 11.87
C VAL B 35 -4.35 -24.07 11.41
N TRP B 36 -4.32 -23.69 10.14
CA TRP B 36 -3.20 -22.95 9.55
C TRP B 36 -3.66 -21.66 8.93
N SER B 37 -2.75 -20.70 8.84
CA SER B 37 -2.97 -19.62 7.89
C SER B 37 -2.07 -19.87 6.68
N HIS B 38 -2.48 -19.34 5.54
CA HIS B 38 -1.62 -19.30 4.37
C HIS B 38 -1.33 -17.83 4.09
N ILE B 39 -0.08 -17.58 3.69
CA ILE B 39 0.41 -16.21 3.48
C ILE B 39 1.02 -16.12 2.08
N ALA B 40 0.59 -15.12 1.33
CA ALA B 40 1.11 -14.90 -0.02
C ALA B 40 1.32 -13.41 -0.17
N THR B 41 1.92 -13.00 -1.29
CA THR B 41 2.12 -11.59 -1.56
C THR B 41 1.69 -11.26 -2.99
N GLN B 42 1.36 -10.01 -3.23
CA GLN B 42 0.93 -9.59 -4.55
C GLN B 42 1.27 -8.14 -4.81
N SER B 43 1.53 -7.82 -6.08
CA SER B 43 1.71 -6.44 -6.51
C SER B 43 0.33 -5.79 -6.58
N PHE B 44 0.17 -4.66 -5.90
CA PHE B 44 -1.10 -3.95 -5.89
C PHE B 44 -0.88 -2.46 -5.63
N ASP B 45 -1.46 -1.62 -6.48
CA ASP B 45 -1.40 -0.16 -6.34
C ASP B 45 0.06 0.33 -6.20
N GLY B 46 0.96 -0.30 -6.93
CA GLY B 46 2.34 0.14 -6.99
C GLY B 46 3.22 -0.40 -5.87
N ALA B 47 2.62 -1.17 -4.97
CA ALA B 47 3.29 -1.72 -3.80
C ALA B 47 3.29 -3.24 -3.81
N VAL B 48 3.85 -3.84 -2.76
CA VAL B 48 3.70 -5.26 -2.51
C VAL B 48 3.02 -5.44 -1.17
N TYR B 49 1.89 -6.14 -1.19
CA TYR B 49 1.11 -6.44 0.01
C TYR B 49 1.19 -7.92 0.37
N PRO B 50 1.22 -8.23 1.66
CA PRO B 50 0.98 -9.59 2.10
C PRO B 50 -0.52 -9.83 2.17
N SER B 51 -0.92 -11.09 2.18
CA SER B 51 -2.34 -11.44 2.29
C SER B 51 -2.46 -12.77 2.98
N ASN B 52 -3.41 -12.86 3.91
CA ASN B 52 -3.70 -14.08 4.66
C ASN B 52 -4.98 -14.75 4.25
N GLY B 53 -4.98 -16.07 4.35
CA GLY B 53 -6.20 -16.87 4.39
C GLY B 53 -6.04 -17.96 5.43
N LEU B 54 -7.01 -18.88 5.46
CA LEU B 54 -7.09 -19.88 6.52
C LEU B 54 -7.25 -21.27 5.94
N ILE B 55 -6.76 -22.25 6.66
CA ILE B 55 -6.95 -23.66 6.33
C ILE B 55 -7.40 -24.34 7.61
N VAL B 56 -8.51 -25.08 7.57
CA VAL B 56 -9.02 -25.75 8.75
C VAL B 56 -9.28 -27.22 8.44
N ARG B 57 -8.74 -28.09 9.28
CA ARG B 57 -8.96 -29.52 9.11
C ARG B 57 -10.42 -29.86 9.43
N ASP B 58 -10.99 -30.67 8.54
CA ASP B 58 -12.40 -31.03 8.52
C ASP B 58 -12.46 -32.55 8.45
N GLY B 59 -12.19 -33.19 9.59
CA GLY B 59 -12.01 -34.63 9.66
C GLY B 59 -10.70 -35.04 9.05
N ASP B 60 -10.80 -35.62 7.86
CA ASP B 60 -9.65 -36.09 7.09
C ASP B 60 -9.61 -35.30 5.77
N GLU B 61 -10.31 -34.16 5.77
CA GLU B 61 -10.33 -33.23 4.64
C GLU B 61 -9.96 -31.86 5.16
N LEU B 62 -9.78 -30.92 4.23
CA LEU B 62 -9.52 -29.52 4.57
C LEU B 62 -10.57 -28.57 3.99
N LEU B 63 -10.89 -27.56 4.78
CA LEU B 63 -11.66 -26.39 4.37
C LEU B 63 -10.71 -25.23 4.17
N LEU B 64 -10.74 -24.63 2.99
CA LEU B 64 -9.92 -23.46 2.66
C LEU B 64 -10.76 -22.20 2.80
N ILE B 65 -10.22 -21.19 3.48
CA ILE B 65 -10.82 -19.87 3.52
C ILE B 65 -9.92 -18.94 2.73
N ASP B 66 -10.48 -18.46 1.61
CA ASP B 66 -9.89 -17.49 0.69
C ASP B 66 -8.76 -18.07 -0.15
N THR B 67 -8.66 -17.53 -1.36
CA THR B 67 -7.58 -17.90 -2.26
C THR B 67 -6.31 -17.18 -1.84
N ALA B 68 -5.23 -17.45 -2.57
CA ALA B 68 -3.95 -16.83 -2.29
C ALA B 68 -3.65 -15.64 -3.22
N TRP B 69 -4.72 -14.99 -3.69
CA TRP B 69 -4.62 -13.75 -4.49
C TRP B 69 -4.00 -14.03 -5.85
N GLY B 70 -4.76 -14.77 -6.66
CA GLY B 70 -4.44 -14.99 -8.06
C GLY B 70 -4.22 -16.46 -8.36
N ALA B 71 -4.32 -16.79 -9.64
CA ALA B 71 -4.18 -18.17 -10.09
C ALA B 71 -2.81 -18.78 -9.78
N LYS B 72 -1.73 -18.05 -10.06
CA LYS B 72 -0.39 -18.57 -9.84
C LYS B 72 -0.18 -18.86 -8.34
N ASN B 73 -0.55 -17.90 -7.49
CA ASN B 73 -0.37 -18.08 -6.05
C ASN B 73 -1.23 -19.23 -5.55
N THR B 74 -2.44 -19.36 -6.09
CA THR B 74 -3.35 -20.39 -5.61
C THR B 74 -2.90 -21.77 -6.06
N ALA B 75 -2.31 -21.88 -7.23
CA ALA B 75 -1.71 -23.15 -7.64
C ALA B 75 -0.57 -23.52 -6.66
N ALA B 76 0.24 -22.53 -6.30
CA ALA B 76 1.32 -22.74 -5.35
C ALA B 76 0.79 -23.16 -3.98
N LEU B 77 -0.31 -22.55 -3.56
CA LEU B 77 -0.95 -22.90 -2.31
C LEU B 77 -1.38 -24.37 -2.28
N LEU B 78 -2.04 -24.83 -3.33
CA LEU B 78 -2.48 -26.22 -3.37
C LEU B 78 -1.28 -27.16 -3.31
N ALA B 79 -0.23 -26.80 -4.03
CA ALA B 79 1.00 -27.59 -4.02
C ALA B 79 1.60 -27.65 -2.62
N GLU B 80 1.60 -26.52 -1.91
CA GLU B 80 2.15 -26.46 -0.56
C GLU B 80 1.32 -27.27 0.43
N ILE B 81 0.01 -27.22 0.29
CA ILE B 81 -0.87 -28.02 1.14
C ILE B 81 -0.60 -29.52 0.96
N GLU B 82 -0.43 -29.95 -0.29
CA GLU B 82 -0.21 -31.37 -0.57
C GLU B 82 1.07 -31.87 0.09
N LYS B 83 2.14 -31.07 0.01
CA LYS B 83 3.45 -31.50 0.50
C LYS B 83 3.60 -31.29 2.01
N GLN B 84 2.89 -30.34 2.60
CA GLN B 84 3.03 -30.05 4.04
C GLN B 84 1.95 -30.74 4.89
N ILE B 85 0.73 -30.79 4.40
CA ILE B 85 -0.41 -31.30 5.17
C ILE B 85 -0.85 -32.69 4.66
N GLY B 86 -0.95 -32.84 3.35
CA GLY B 86 -1.26 -34.15 2.78
C GLY B 86 -2.70 -34.60 2.91
N LEU B 87 -3.62 -33.65 3.08
CA LEU B 87 -5.06 -33.94 3.08
C LEU B 87 -5.71 -33.14 1.97
N PRO B 88 -6.79 -33.68 1.37
CA PRO B 88 -7.41 -32.96 0.25
C PRO B 88 -8.24 -31.78 0.68
N VAL B 89 -8.12 -30.69 -0.07
CA VAL B 89 -9.01 -29.54 0.06
C VAL B 89 -10.30 -29.86 -0.68
N THR B 90 -11.40 -29.98 0.04
CA THR B 90 -12.65 -30.40 -0.59
C THR B 90 -13.62 -29.25 -0.80
N ARG B 91 -13.49 -28.23 0.05
CA ARG B 91 -14.34 -27.04 -0.05
C ARG B 91 -13.52 -25.78 0.23
N ALA B 92 -13.97 -24.68 -0.37
CA ALA B 92 -13.38 -23.37 -0.14
C ALA B 92 -14.47 -22.34 0.04
N VAL B 93 -14.20 -21.35 0.88
CA VAL B 93 -15.10 -20.24 1.10
C VAL B 93 -14.35 -18.94 0.83
N SER B 94 -14.94 -18.04 0.05
CA SER B 94 -14.38 -16.72 -0.17
C SER B 94 -15.15 -15.72 0.66
N THR B 95 -14.42 -14.88 1.41
CA THR B 95 -15.04 -14.01 2.40
C THR B 95 -15.44 -12.62 1.88
N HIS B 96 -14.97 -12.22 0.70
CA HIS B 96 -15.64 -11.14 -0.03
C HIS B 96 -15.14 -11.20 -1.46
N PHE B 97 -15.56 -10.23 -2.29
CA PHE B 97 -15.50 -10.41 -3.75
C PHE B 97 -14.20 -9.96 -4.39
N HIS B 98 -13.27 -9.37 -3.62
CA HIS B 98 -12.01 -8.88 -4.19
C HIS B 98 -11.05 -10.01 -4.61
N ASP B 99 -10.09 -9.67 -5.45
CA ASP B 99 -9.19 -10.65 -6.03
C ASP B 99 -8.32 -11.40 -5.03
N ASP B 100 -8.04 -10.79 -3.87
CA ASP B 100 -7.26 -11.49 -2.86
C ASP B 100 -8.09 -12.58 -2.15
N ARG B 101 -9.39 -12.64 -2.46
CA ARG B 101 -10.31 -13.61 -1.86
C ARG B 101 -10.86 -14.62 -2.86
N VAL B 102 -11.15 -14.16 -4.09
CA VAL B 102 -11.69 -15.03 -5.14
C VAL B 102 -10.72 -15.29 -6.31
N GLY B 103 -9.62 -14.55 -6.37
CA GLY B 103 -8.65 -14.73 -7.44
C GLY B 103 -7.96 -16.08 -7.26
N GLY B 104 -8.20 -17.01 -8.20
CA GLY B 104 -7.75 -18.38 -8.01
C GLY B 104 -8.89 -19.38 -7.82
N VAL B 105 -10.12 -18.90 -7.79
CA VAL B 105 -11.27 -19.80 -7.63
C VAL B 105 -11.32 -20.81 -8.79
N ASP B 106 -10.94 -20.39 -9.99
CA ASP B 106 -10.98 -21.29 -11.15
C ASP B 106 -9.93 -22.40 -11.01
N VAL B 107 -8.77 -22.06 -10.44
CA VAL B 107 -7.77 -23.07 -10.14
C VAL B 107 -8.30 -24.10 -9.14
N LEU B 108 -8.97 -23.63 -8.09
CA LEU B 108 -9.58 -24.53 -7.12
C LEU B 108 -10.63 -25.43 -7.75
N ARG B 109 -11.50 -24.83 -8.55
CA ARG B 109 -12.57 -25.56 -9.22
C ARG B 109 -12.04 -26.69 -10.08
N LYS B 110 -11.00 -26.39 -10.85
CA LYS B 110 -10.42 -27.36 -11.77
C LYS B 110 -9.69 -28.47 -11.01
N ALA B 111 -9.29 -28.17 -9.80
CA ALA B 111 -8.62 -29.15 -8.95
C ALA B 111 -9.64 -30.01 -8.18
N GLY B 112 -10.93 -29.72 -8.35
CA GLY B 112 -11.97 -30.53 -7.74
C GLY B 112 -12.51 -29.95 -6.45
N VAL B 113 -12.13 -28.72 -6.13
CA VAL B 113 -12.60 -28.06 -4.91
C VAL B 113 -13.96 -27.40 -5.12
N ALA B 114 -14.90 -27.67 -4.22
CA ALA B 114 -16.21 -27.06 -4.28
C ALA B 114 -16.10 -25.65 -3.68
N THR B 115 -16.37 -24.62 -4.46
CA THR B 115 -16.14 -23.25 -4.02
C THR B 115 -17.46 -22.59 -3.64
N TYR B 116 -17.41 -21.82 -2.56
CA TYR B 116 -18.58 -21.21 -1.95
C TYR B 116 -18.38 -19.72 -1.68
N ALA B 117 -19.48 -18.97 -1.74
CA ALA B 117 -19.51 -17.61 -1.24
C ALA B 117 -20.97 -17.20 -1.05
N SER B 118 -21.20 -16.11 -0.33
CA SER B 118 -22.56 -15.61 -0.18
C SER B 118 -23.12 -15.18 -1.54
N PRO B 119 -24.46 -15.11 -1.67
CA PRO B 119 -25.04 -14.64 -2.92
C PRO B 119 -24.55 -13.25 -3.27
N SER B 120 -24.36 -12.40 -2.25
CA SER B 120 -23.88 -11.04 -2.47
CA SER B 120 -23.89 -11.04 -2.48
C SER B 120 -22.48 -11.07 -3.05
N THR B 121 -21.62 -11.88 -2.45
CA THR B 121 -20.26 -11.99 -2.93
C THR B 121 -20.21 -12.47 -4.38
N ARG B 122 -21.05 -13.46 -4.71
CA ARG B 122 -21.07 -14.00 -6.06
C ARG B 122 -21.51 -12.93 -7.07
N ARG B 123 -22.53 -12.17 -6.71
CA ARG B 123 -23.03 -11.08 -7.57
C ARG B 123 -21.95 -10.04 -7.80
N LEU B 124 -21.33 -9.61 -6.72
CA LEU B 124 -20.33 -8.54 -6.78
C LEU B 124 -19.07 -9.00 -7.53
N ALA B 125 -18.67 -10.24 -7.34
CA ALA B 125 -17.53 -10.77 -8.09
C ALA B 125 -17.87 -10.76 -9.58
N GLU B 126 -19.04 -11.28 -9.93
CA GLU B 126 -19.48 -11.30 -11.32
C GLU B 126 -19.45 -9.90 -11.95
N ALA B 127 -19.99 -8.91 -11.22
CA ALA B 127 -20.06 -7.54 -11.74
C ALA B 127 -18.68 -6.92 -11.89
N GLU B 128 -17.76 -7.31 -11.01
CA GLU B 128 -16.40 -6.79 -11.03
C GLU B 128 -15.56 -7.43 -12.13
N GLY B 129 -16.02 -8.58 -12.63
CA GLY B 129 -15.24 -9.35 -13.57
C GLY B 129 -14.24 -10.27 -12.88
N ASN B 130 -14.45 -10.52 -11.59
CA ASN B 130 -13.62 -11.47 -10.86
C ASN B 130 -14.17 -12.88 -10.96
N GLU B 131 -13.39 -13.86 -10.53
CA GLU B 131 -13.83 -15.25 -10.54
C GLU B 131 -14.98 -15.46 -9.56
N ILE B 132 -15.88 -16.36 -9.93
CA ILE B 132 -17.15 -16.55 -9.20
C ILE B 132 -17.23 -17.94 -8.59
N PRO B 133 -17.22 -18.02 -7.24
CA PRO B 133 -17.45 -19.31 -6.61
C PRO B 133 -18.74 -19.96 -7.09
N THR B 134 -18.72 -21.28 -7.17
CA THR B 134 -19.82 -22.05 -7.75
C THR B 134 -21.09 -22.03 -6.92
N HIS B 135 -20.94 -22.20 -5.61
CA HIS B 135 -22.09 -22.45 -4.72
C HIS B 135 -22.40 -21.25 -3.82
N SER B 136 -23.68 -20.98 -3.61
CA SER B 136 -24.12 -19.92 -2.71
C SER B 136 -24.29 -20.43 -1.28
N LEU B 137 -23.75 -19.66 -0.34
CA LEU B 137 -23.95 -19.89 1.07
C LEU B 137 -25.29 -19.34 1.50
N GLU B 138 -26.10 -20.15 2.16
CA GLU B 138 -27.39 -19.71 2.64
C GLU B 138 -27.29 -19.17 4.06
N GLY B 139 -28.13 -18.20 4.40
CA GLY B 139 -28.25 -17.76 5.78
C GLY B 139 -27.36 -16.62 6.26
N LEU B 140 -26.73 -15.88 5.35
CA LEU B 140 -25.78 -14.83 5.71
C LEU B 140 -26.17 -13.44 5.19
N SER B 141 -27.46 -13.18 5.12
CA SER B 141 -27.99 -12.03 4.38
C SER B 141 -27.94 -10.72 5.14
N SER B 142 -28.06 -10.78 6.46
CA SER B 142 -28.18 -9.56 7.26
CA SER B 142 -28.19 -9.57 7.27
C SER B 142 -27.24 -9.59 8.46
N SER B 143 -26.89 -8.40 8.93
CA SER B 143 -25.95 -8.21 10.03
CA SER B 143 -25.92 -8.25 10.01
C SER B 143 -26.26 -9.11 11.22
N GLY B 144 -25.24 -9.81 11.72
CA GLY B 144 -25.42 -10.70 12.86
C GLY B 144 -25.71 -12.13 12.49
N ASP B 145 -26.00 -12.38 11.22
CA ASP B 145 -26.25 -13.75 10.76
C ASP B 145 -25.00 -14.61 10.92
N ALA B 146 -25.22 -15.84 11.39
CA ALA B 146 -24.14 -16.80 11.54
C ALA B 146 -24.60 -18.18 11.12
N VAL B 147 -23.72 -18.91 10.47
CA VAL B 147 -24.01 -20.28 10.05
C VAL B 147 -22.80 -21.16 10.30
N ARG B 148 -23.05 -22.42 10.63
CA ARG B 148 -21.98 -23.40 10.73
C ARG B 148 -21.66 -23.90 9.33
N PHE B 149 -20.37 -24.11 9.08
CA PHE B 149 -19.92 -24.67 7.82
C PHE B 149 -18.74 -25.58 8.13
N GLY B 150 -19.02 -26.87 8.26
CA GLY B 150 -18.03 -27.83 8.71
C GLY B 150 -17.42 -27.45 10.06
N PRO B 151 -16.09 -27.28 10.12
CA PRO B 151 -15.44 -27.03 11.41
C PRO B 151 -15.36 -25.55 11.82
N VAL B 152 -16.01 -24.68 11.06
CA VAL B 152 -16.03 -23.26 11.37
C VAL B 152 -17.43 -22.70 11.46
N GLU B 153 -17.53 -21.50 12.04
CA GLU B 153 -18.72 -20.68 11.96
C GLU B 153 -18.44 -19.51 11.03
N LEU B 154 -19.39 -19.23 10.15
CA LEU B 154 -19.32 -18.06 9.25
C LEU B 154 -20.24 -16.98 9.79
N PHE B 155 -19.78 -15.73 9.75
CA PHE B 155 -20.49 -14.64 10.42
C PHE B 155 -20.48 -13.41 9.53
N TYR B 156 -21.65 -12.81 9.33
CA TYR B 156 -21.72 -11.55 8.60
C TYR B 156 -21.88 -10.41 9.61
N PRO B 157 -20.83 -9.60 9.80
CA PRO B 157 -20.87 -8.58 10.85
C PRO B 157 -21.57 -7.28 10.45
N GLY B 158 -21.89 -7.15 9.16
CA GLY B 158 -22.34 -5.89 8.60
C GLY B 158 -21.27 -5.36 7.67
N ALA B 159 -21.59 -4.28 6.97
CA ALA B 159 -20.65 -3.66 6.02
C ALA B 159 -19.43 -3.11 6.74
N ALA B 160 -18.27 -3.23 6.11
CA ALA B 160 -17.04 -2.75 6.71
C ALA B 160 -16.06 -2.42 5.59
N HIS B 161 -15.05 -3.28 5.40
CA HIS B 161 -14.15 -3.16 4.26
C HIS B 161 -14.91 -3.29 2.94
N SER B 162 -15.97 -4.09 2.95
CA SER B 162 -16.87 -4.21 1.80
C SER B 162 -18.26 -4.51 2.33
N THR B 163 -19.27 -4.44 1.46
CA THR B 163 -20.64 -4.66 1.91
C THR B 163 -20.87 -6.13 2.26
N ASP B 164 -20.07 -7.02 1.67
CA ASP B 164 -20.31 -8.46 1.74
C ASP B 164 -19.36 -9.22 2.68
N ASN B 165 -18.45 -8.53 3.34
CA ASN B 165 -17.36 -9.23 4.03
C ASN B 165 -17.86 -10.15 5.15
N LEU B 166 -17.32 -11.37 5.14
CA LEU B 166 -17.58 -12.37 6.18
C LEU B 166 -16.40 -12.54 7.10
N VAL B 167 -16.67 -12.99 8.34
CA VAL B 167 -15.58 -13.41 9.21
C VAL B 167 -15.83 -14.87 9.57
N VAL B 168 -14.77 -15.52 10.01
CA VAL B 168 -14.76 -16.96 10.20
C VAL B 168 -14.22 -17.26 11.59
N TYR B 169 -14.94 -18.08 12.36
CA TYR B 169 -14.47 -18.47 13.70
C TYR B 169 -14.27 -19.98 13.76
N VAL B 170 -13.18 -20.43 14.38
CA VAL B 170 -12.93 -21.85 14.59
C VAL B 170 -13.15 -22.13 16.07
N PRO B 171 -14.33 -22.66 16.45
CA PRO B 171 -14.64 -22.78 17.88
C PRO B 171 -13.68 -23.67 18.66
N SER B 172 -13.18 -24.72 18.03
CA SER B 172 -12.34 -25.68 18.71
C SER B 172 -10.99 -25.08 19.11
N ALA B 173 -10.61 -23.97 18.47
CA ALA B 173 -9.29 -23.38 18.65
C ALA B 173 -9.36 -21.92 19.12
N ASN B 174 -10.57 -21.37 19.19
CA ASN B 174 -10.77 -19.96 19.56
C ASN B 174 -10.01 -19.03 18.62
N VAL B 175 -10.00 -19.38 17.34
CA VAL B 175 -9.32 -18.60 16.32
C VAL B 175 -10.34 -17.78 15.53
N LEU B 176 -10.15 -16.47 15.50
CA LEU B 176 -11.01 -15.57 14.75
C LEU B 176 -10.27 -15.08 13.50
N TYR B 177 -10.78 -15.43 12.34
CA TYR B 177 -10.23 -14.96 11.11
C TYR B 177 -11.10 -13.80 10.66
N GLY B 178 -10.54 -12.61 10.76
CA GLY B 178 -11.32 -11.39 10.53
C GLY B 178 -11.45 -11.02 9.08
N GLY B 179 -10.56 -11.56 8.23
CA GLY B 179 -10.50 -11.16 6.84
C GLY B 179 -10.22 -9.67 6.81
N CYS B 180 -10.61 -9.03 5.71
CA CYS B 180 -10.19 -7.66 5.47
C CYS B 180 -11.01 -6.61 6.27
N ALA B 181 -12.05 -7.07 6.96
CA ALA B 181 -12.74 -6.23 7.93
C ALA B 181 -11.91 -5.97 9.21
N VAL B 182 -10.83 -6.71 9.41
CA VAL B 182 -9.96 -6.55 10.57
C VAL B 182 -8.57 -6.16 10.09
N LEU B 183 -8.06 -5.07 10.64
CA LEU B 183 -6.75 -4.51 10.31
C LEU B 183 -5.67 -4.98 11.28
N ALA B 184 -4.47 -5.20 10.75
CA ALA B 184 -3.29 -5.47 11.56
C ALA B 184 -2.85 -4.24 12.37
N LEU B 185 -2.09 -4.45 13.43
CA LEU B 185 -1.64 -3.32 14.26
C LEU B 185 -0.78 -2.31 13.50
N SER B 186 -0.14 -2.77 12.42
CA SER B 186 0.71 -1.91 11.61
C SER B 186 -0.05 -0.87 10.80
N ARG B 187 -1.34 -1.10 10.59
CA ARG B 187 -2.12 -0.24 9.72
C ARG B 187 -2.35 1.11 10.40
N THR B 188 -2.13 2.17 9.64
CA THR B 188 -2.40 3.52 10.10
C THR B 188 -3.59 4.14 9.37
N SER B 189 -4.12 3.42 8.38
CA SER B 189 -5.35 3.82 7.73
C SER B 189 -6.19 2.59 7.43
N ALA B 190 -7.40 2.80 6.94
CA ALA B 190 -8.30 1.70 6.60
C ALA B 190 -7.94 1.05 5.26
N GLY B 191 -6.92 1.58 4.59
CA GLY B 191 -6.45 0.98 3.36
C GLY B 191 -7.33 1.29 2.17
N ASN B 192 -7.61 0.27 1.37
CA ASN B 192 -8.42 0.45 0.17
C ASN B 192 -9.88 0.58 0.54
N VAL B 193 -10.43 1.79 0.44
CA VAL B 193 -11.79 2.03 0.91
C VAL B 193 -12.76 2.27 -0.23
N ALA B 194 -12.36 1.92 -1.45
CA ALA B 194 -13.21 2.09 -2.63
C ALA B 194 -14.58 1.42 -2.46
N ASP B 195 -14.59 0.26 -1.82
CA ASP B 195 -15.82 -0.50 -1.65
C ASP B 195 -16.29 -0.52 -0.20
N ALA B 196 -15.65 0.29 0.65
CA ALA B 196 -15.86 0.24 2.08
C ALA B 196 -17.03 1.11 2.53
N ASP B 197 -17.55 0.80 3.71
CA ASP B 197 -18.53 1.65 4.36
C ASP B 197 -17.95 2.13 5.69
N LEU B 198 -17.27 3.26 5.65
CA LEU B 198 -16.58 3.77 6.84
C LEU B 198 -17.54 4.12 7.97
N ALA B 199 -18.76 4.54 7.63
CA ALA B 199 -19.72 4.95 8.65
C ALA B 199 -20.21 3.75 9.47
N GLU B 200 -20.29 2.61 8.82
CA GLU B 200 -20.78 1.39 9.45
C GLU B 200 -19.68 0.51 10.06
N TRP B 201 -18.48 0.62 9.52
CA TRP B 201 -17.41 -0.29 9.87
C TRP B 201 -17.17 -0.35 11.39
N PRO B 202 -17.16 0.80 12.11
CA PRO B 202 -16.94 0.66 13.56
C PRO B 202 -18.02 -0.17 14.26
N THR B 203 -19.27 -0.02 13.84
CA THR B 203 -20.36 -0.81 14.41
C THR B 203 -20.21 -2.30 14.05
N SER B 204 -19.77 -2.58 12.84
CA SER B 204 -19.58 -3.97 12.42
C SER B 204 -18.47 -4.65 13.23
N VAL B 205 -17.42 -3.90 13.54
CA VAL B 205 -16.34 -4.42 14.36
C VAL B 205 -16.85 -4.71 15.77
N GLU B 206 -17.66 -3.81 16.30
CA GLU B 206 -18.26 -4.01 17.61
C GLU B 206 -19.10 -5.29 17.62
N ARG B 207 -19.78 -5.58 16.52
CA ARG B 207 -20.58 -6.80 16.41
C ARG B 207 -19.68 -8.04 16.48
N ILE B 208 -18.52 -7.97 15.86
CA ILE B 208 -17.55 -9.06 15.98
C ILE B 208 -17.08 -9.21 17.42
N GLN B 209 -16.75 -8.09 18.05
CA GLN B 209 -16.24 -8.11 19.42
C GLN B 209 -17.23 -8.78 20.37
N LYS B 210 -18.52 -8.54 20.16
CA LYS B 210 -19.51 -9.02 21.12
C LYS B 210 -19.98 -10.44 20.82
N HIS B 211 -19.81 -10.89 19.57
CA HIS B 211 -20.20 -12.26 19.21
C HIS B 211 -19.07 -13.28 19.45
N TYR B 212 -17.81 -12.82 19.41
CA TYR B 212 -16.65 -13.72 19.61
C TYR B 212 -15.71 -13.19 20.68
N PRO B 213 -16.26 -12.94 21.88
CA PRO B 213 -15.47 -12.28 22.92
C PRO B 213 -14.47 -13.21 23.61
N GLU B 214 -14.42 -14.48 23.22
CA GLU B 214 -13.40 -15.37 23.78
C GLU B 214 -12.38 -15.81 22.74
N ALA B 215 -12.34 -15.12 21.60
CA ALA B 215 -11.30 -15.36 20.61
C ALA B 215 -9.94 -15.15 21.25
N GLU B 216 -9.00 -16.02 20.92
CA GLU B 216 -7.66 -15.97 21.50
C GLU B 216 -6.64 -15.46 20.49
N VAL B 217 -6.88 -15.81 19.24
CA VAL B 217 -6.05 -15.34 18.14
C VAL B 217 -6.96 -14.68 17.12
N VAL B 218 -6.53 -13.52 16.61
CA VAL B 218 -7.26 -12.80 15.59
C VAL B 218 -6.34 -12.58 14.41
N ILE B 219 -6.80 -13.03 13.25
CA ILE B 219 -6.02 -12.98 12.03
C ILE B 219 -6.63 -11.95 11.11
N PRO B 220 -5.86 -10.93 10.70
CA PRO B 220 -6.36 -9.92 9.76
C PRO B 220 -6.24 -10.40 8.32
N GLY B 221 -6.91 -9.73 7.39
CA GLY B 221 -6.79 -10.11 5.99
C GLY B 221 -5.39 -9.88 5.44
N HIS B 222 -4.67 -8.92 6.02
CA HIS B 222 -3.35 -8.55 5.55
C HIS B 222 -2.49 -8.25 6.77
N GLY B 223 -1.37 -8.96 6.93
CA GLY B 223 -0.45 -8.68 8.03
C GLY B 223 -0.48 -9.64 9.20
N LEU B 224 0.17 -9.24 10.28
CA LEU B 224 0.42 -10.10 11.44
C LEU B 224 -0.82 -10.38 12.29
N PRO B 225 -1.04 -11.66 12.63
CA PRO B 225 -2.01 -11.98 13.67
C PRO B 225 -1.65 -11.37 15.03
N GLY B 226 -2.68 -11.22 15.86
CA GLY B 226 -2.52 -10.80 17.22
C GLY B 226 -3.68 -11.33 18.04
N GLY B 227 -4.04 -10.57 19.07
CA GLY B 227 -5.18 -10.91 19.90
C GLY B 227 -6.39 -10.05 19.63
N LEU B 228 -7.26 -9.97 20.64
CA LEU B 228 -8.46 -9.15 20.52
C LEU B 228 -8.13 -7.68 20.33
N ASP B 229 -6.91 -7.28 20.69
CA ASP B 229 -6.48 -5.90 20.48
C ASP B 229 -6.60 -5.43 19.00
N LEU B 230 -6.52 -6.37 18.05
CA LEU B 230 -6.68 -5.99 16.65
C LEU B 230 -8.07 -5.44 16.36
N LEU B 231 -9.08 -5.93 17.07
CA LEU B 231 -10.43 -5.47 16.85
C LEU B 231 -10.56 -4.02 17.32
N GLN B 232 -9.98 -3.73 18.48
CA GLN B 232 -10.05 -2.37 19.00
C GLN B 232 -9.20 -1.44 18.13
N HIS B 233 -8.04 -1.92 17.69
CA HIS B 233 -7.19 -1.14 16.79
C HIS B 233 -7.96 -0.78 15.54
N THR B 234 -8.62 -1.78 14.97
CA THR B 234 -9.42 -1.57 13.78
C THR B 234 -10.48 -0.49 14.00
N ALA B 235 -11.25 -0.59 15.09
CA ALA B 235 -12.25 0.43 15.40
C ALA B 235 -11.62 1.82 15.52
N ASN B 236 -10.48 1.91 16.20
CA ASN B 236 -9.80 3.19 16.35
C ASN B 236 -9.37 3.79 15.02
N VAL B 237 -8.76 2.96 14.17
CA VAL B 237 -8.24 3.42 12.89
C VAL B 237 -9.36 3.82 11.95
N VAL B 238 -10.40 3.00 11.86
CA VAL B 238 -11.46 3.28 10.92
C VAL B 238 -12.28 4.50 11.36
N THR B 239 -12.41 4.69 12.66
CA THR B 239 -13.16 5.86 13.16
C THR B 239 -12.40 7.12 12.80
N ALA B 240 -11.09 7.10 12.97
CA ALA B 240 -10.26 8.26 12.65
C ALA B 240 -10.32 8.56 11.15
N HIS B 241 -10.30 7.49 10.33
CA HIS B 241 -10.40 7.62 8.89
C HIS B 241 -11.79 8.19 8.52
N LYS B 242 -12.83 7.65 9.15
CA LYS B 242 -14.20 8.06 8.91
C LYS B 242 -14.37 9.57 9.13
N ASN B 243 -13.61 10.09 10.08
CA ASN B 243 -13.74 11.48 10.49
C ASN B 243 -12.75 12.40 9.77
N ARG B 244 -13.02 13.59 9.61
#